data_4UZG
#
_entry.id   4UZG
#
_cell.length_a   47.640
_cell.length_b   53.920
_cell.length_c   54.770
_cell.angle_alpha   90.00
_cell.angle_beta   90.97
_cell.angle_gamma   90.00
#
_symmetry.space_group_name_H-M   'P 1 21 1'
#
loop_
_entity.id
_entity.type
_entity.pdbx_description
1 polymer 'SURFACE PROTEIN SPB1'
2 non-polymer 1,2-ETHANEDIOL
3 non-polymer 'CALCIUM ION'
4 water water
#
_entity_poly.entity_id   1
_entity_poly.type   'polypeptide(L)'
_entity_poly.pdbx_seq_one_letter_code
;MGGKTVDQKTYSVGDTVKYTITYKNAVNYHGTEKVYQYVIKDTMPSASVVDLNEGSYEVTITDGSGNITTLTQGSEKATG
KYNLLEENNNFTITIPWAATNTPTGNTQNGANDDFFYKGINTITVTYTGVLKSGAKPGSADLPENTNIATINPNTSNDDP
GQKVTVRDGQITIKKIDGSTKASLQGAIFVLKNATGQFLNFNDTNNVEWGTEANATEYTTGADGIITITGLKEGTYYLVE
KKAPLGYNLLDNSQKVILGDGATDTTNSDNLLVNPTVENNKGTELPSHHHHH
;
_entity_poly.pdbx_strand_id   A
#
loop_
_chem_comp.id
_chem_comp.type
_chem_comp.name
_chem_comp.formula
CA non-polymer 'CALCIUM ION' 'Ca 2'
EDO non-polymer 1,2-ETHANEDIOL 'C2 H6 O2'
#
# COMPACT_ATOMS: atom_id res chain seq x y z
N GLY A 2 0.64 -10.65 -11.18
CA GLY A 2 -0.59 -10.94 -11.89
C GLY A 2 -1.16 -9.71 -12.59
N GLY A 3 -2.47 -9.75 -12.84
CA GLY A 3 -3.18 -8.71 -13.57
C GLY A 3 -3.60 -7.50 -12.75
N LYS A 4 -3.35 -7.53 -11.45
CA LYS A 4 -3.58 -6.39 -10.58
C LYS A 4 -2.25 -6.10 -9.89
N THR A 5 -1.75 -4.88 -10.05
CA THR A 5 -0.45 -4.50 -9.51
C THR A 5 -0.53 -3.14 -8.83
N VAL A 6 0.48 -2.85 -8.01
CA VAL A 6 0.67 -1.54 -7.39
C VAL A 6 2.03 -1.00 -7.78
N ASP A 7 2.23 0.30 -7.63
CA ASP A 7 3.40 0.97 -8.14
C ASP A 7 4.64 0.86 -7.26
N GLN A 8 4.51 0.48 -6.00
CA GLN A 8 5.67 0.38 -5.10
C GLN A 8 5.59 -0.93 -4.33
N LYS A 9 6.75 -1.46 -3.97
CA LYS A 9 6.82 -2.67 -3.17
C LYS A 9 6.29 -2.48 -1.74
N THR A 10 6.51 -1.28 -1.19
CA THR A 10 6.02 -0.92 0.14
C THR A 10 5.66 0.55 0.15
N TYR A 11 4.92 0.94 1.18
CA TYR A 11 4.43 2.30 1.36
C TYR A 11 4.51 2.68 2.82
N SER A 12 4.50 3.97 3.09
CA SER A 12 4.18 4.49 4.42
C SER A 12 2.70 4.82 4.49
N VAL A 13 2.13 4.68 5.69
CA VAL A 13 0.79 5.13 5.96
C VAL A 13 0.63 6.58 5.50
N GLY A 14 -0.44 6.85 4.78
CA GLY A 14 -0.73 8.14 4.18
C GLY A 14 -0.32 8.27 2.72
N ASP A 15 0.48 7.33 2.23
CA ASP A 15 0.94 7.39 0.84
C ASP A 15 -0.21 7.09 -0.14
N THR A 16 -0.08 7.66 -1.31
CA THR A 16 -0.92 7.31 -2.46
C THR A 16 -0.41 6.02 -3.07
N VAL A 17 -1.31 5.04 -3.19
CA VAL A 17 -1.07 3.78 -3.84
C VAL A 17 -1.69 3.84 -5.23
N LYS A 18 -0.88 3.65 -6.28
N LYS A 18 -0.88 3.57 -6.26
CA LYS A 18 -1.44 3.58 -7.63
CA LYS A 18 -1.37 3.61 -7.64
C LYS A 18 -1.56 2.14 -8.04
C LYS A 18 -1.55 2.17 -8.13
N TYR A 19 -2.82 1.77 -8.32
CA TYR A 19 -3.19 0.45 -8.77
C TYR A 19 -3.36 0.39 -10.28
N THR A 20 -3.02 -0.75 -10.86
CA THR A 20 -3.27 -1.01 -12.27
C THR A 20 -3.93 -2.39 -12.42
N ILE A 21 -5.09 -2.40 -13.09
CA ILE A 21 -5.77 -3.64 -13.46
C ILE A 21 -5.60 -3.79 -14.96
N THR A 22 -5.11 -4.94 -15.40
CA THR A 22 -4.95 -5.16 -16.82
CA THR A 22 -4.84 -5.22 -16.82
C THR A 22 -5.56 -6.50 -17.22
N TYR A 23 -6.28 -6.47 -18.34
CA TYR A 23 -6.97 -7.63 -18.88
C TYR A 23 -6.65 -7.69 -20.36
N LYS A 24 -5.93 -8.72 -20.77
CA LYS A 24 -5.38 -8.81 -22.11
C LYS A 24 -6.22 -9.57 -23.09
N ASN A 25 -7.30 -10.15 -22.66
CA ASN A 25 -8.01 -11.00 -23.61
C ASN A 25 -9.31 -10.44 -24.16
N ALA A 26 -9.41 -9.13 -24.39
CA ALA A 26 -10.72 -8.57 -24.69
C ALA A 26 -11.01 -8.65 -26.17
N VAL A 27 -11.91 -9.56 -26.54
CA VAL A 27 -12.32 -9.81 -27.92
C VAL A 27 -13.84 -9.74 -28.04
N ASN A 28 -14.34 -9.91 -29.25
CA ASN A 28 -15.73 -9.65 -29.55
C ASN A 28 -16.67 -10.84 -29.35
N TYR A 29 -16.14 -12.05 -29.17
CA TYR A 29 -16.94 -13.25 -28.88
C TYR A 29 -16.39 -14.01 -27.66
N HIS A 30 -17.31 -14.62 -26.91
N HIS A 30 -17.29 -14.60 -26.89
CA HIS A 30 -16.98 -15.45 -25.75
CA HIS A 30 -16.88 -15.50 -25.82
C HIS A 30 -17.83 -16.70 -25.85
C HIS A 30 -17.80 -16.70 -25.81
N GLY A 31 -17.19 -17.83 -26.16
CA GLY A 31 -17.94 -19.00 -26.52
C GLY A 31 -18.45 -18.63 -27.90
N THR A 32 -19.74 -18.87 -28.12
CA THR A 32 -20.41 -18.51 -29.36
C THR A 32 -21.24 -17.24 -29.16
N GLU A 33 -21.09 -16.60 -27.99
CA GLU A 33 -21.90 -15.43 -27.65
C GLU A 33 -21.19 -14.13 -28.01
N LYS A 34 -21.92 -13.24 -28.63
CA LYS A 34 -21.44 -11.89 -28.86
C LYS A 34 -21.14 -11.21 -27.52
N VAL A 35 -19.98 -10.57 -27.42
CA VAL A 35 -19.66 -9.79 -26.24
C VAL A 35 -20.15 -8.37 -26.42
N TYR A 36 -21.05 -7.95 -25.53
CA TYR A 36 -21.60 -6.60 -25.58
C TYR A 36 -21.10 -5.71 -24.43
N GLN A 37 -20.38 -6.27 -23.46
CA GLN A 37 -19.75 -5.46 -22.41
C GLN A 37 -18.67 -6.25 -21.73
N TYR A 38 -17.76 -5.53 -21.09
CA TYR A 38 -16.86 -6.10 -20.08
C TYR A 38 -17.14 -5.39 -18.76
N VAL A 39 -17.19 -6.16 -17.68
CA VAL A 39 -17.48 -5.62 -16.35
C VAL A 39 -16.26 -5.86 -15.45
N ILE A 40 -15.73 -4.77 -14.89
CA ILE A 40 -14.60 -4.80 -13.98
C ILE A 40 -15.12 -4.47 -12.60
N LYS A 41 -15.00 -5.41 -11.67
CA LYS A 41 -15.48 -5.23 -10.30
C LYS A 41 -14.31 -5.31 -9.36
N ASP A 42 -14.14 -4.32 -8.49
CA ASP A 42 -12.97 -4.26 -7.59
C ASP A 42 -13.48 -4.13 -6.17
N THR A 43 -13.16 -5.13 -5.35
CA THR A 43 -13.47 -5.10 -3.93
C THR A 43 -12.18 -4.74 -3.20
N MET A 44 -12.16 -3.54 -2.63
CA MET A 44 -11.01 -3.00 -1.92
C MET A 44 -11.01 -3.50 -0.49
N PRO A 45 -9.86 -3.37 0.19
CA PRO A 45 -9.84 -3.52 1.66
C PRO A 45 -10.77 -2.48 2.28
N SER A 46 -10.99 -2.62 3.58
CA SER A 46 -11.72 -1.60 4.29
CA SER A 46 -11.69 -1.60 4.33
C SER A 46 -11.05 -0.23 4.07
N ALA A 47 -11.86 0.83 4.11
CA ALA A 47 -11.35 2.17 3.95
C ALA A 47 -10.44 2.58 5.12
N SER A 48 -10.49 1.84 6.23
CA SER A 48 -9.57 2.05 7.34
C SER A 48 -8.17 1.47 7.04
N VAL A 49 -8.03 0.78 5.93
CA VAL A 49 -6.79 0.14 5.49
C VAL A 49 -6.28 0.78 4.20
N VAL A 50 -7.07 0.72 3.11
CA VAL A 50 -6.76 1.53 1.93
C VAL A 50 -8.06 2.20 1.50
N ASP A 51 -8.06 3.53 1.50
CA ASP A 51 -9.24 4.32 1.17
C ASP A 51 -9.19 4.66 -0.32
N LEU A 52 -10.10 4.07 -1.09
CA LEU A 52 -10.20 4.34 -2.51
C LEU A 52 -10.33 5.83 -2.78
N ASN A 53 -9.57 6.35 -3.76
CA ASN A 53 -9.84 7.68 -4.26
C ASN A 53 -10.89 7.61 -5.36
N GLU A 54 -12.13 7.87 -4.99
CA GLU A 54 -13.18 7.86 -5.97
C GLU A 54 -12.86 8.87 -7.06
N GLY A 55 -13.27 8.52 -8.27
CA GLY A 55 -13.06 9.39 -9.40
C GLY A 55 -11.63 9.44 -9.93
N SER A 56 -10.76 8.54 -9.50
CA SER A 56 -9.34 8.61 -9.88
C SER A 56 -9.00 7.76 -11.12
N TYR A 57 -10.00 7.19 -11.77
CA TYR A 57 -9.75 6.20 -12.83
C TYR A 57 -9.22 6.79 -14.12
N GLU A 58 -8.35 6.03 -14.76
CA GLU A 58 -8.04 6.20 -16.17
C GLU A 58 -8.32 4.84 -16.80
N VAL A 59 -9.20 4.83 -17.79
CA VAL A 59 -9.66 3.60 -18.41
C VAL A 59 -9.28 3.65 -19.89
N THR A 60 -8.52 2.66 -20.35
CA THR A 60 -8.07 2.63 -21.73
C THR A 60 -8.26 1.25 -22.35
N ILE A 61 -8.37 1.28 -23.68
CA ILE A 61 -8.38 0.10 -24.51
CA ILE A 61 -8.36 0.09 -24.50
C ILE A 61 -7.18 0.23 -25.45
N THR A 62 -6.31 -0.78 -25.46
CA THR A 62 -5.11 -0.76 -26.31
C THR A 62 -5.20 -1.96 -27.28
N ASP A 63 -5.13 -1.67 -28.56
CA ASP A 63 -5.27 -2.71 -29.55
C ASP A 63 -3.94 -3.38 -29.80
N GLY A 64 -3.94 -4.36 -30.68
CA GLY A 64 -2.75 -5.18 -30.89
C GLY A 64 -1.59 -4.41 -31.51
N SER A 65 -1.86 -3.27 -32.13
CA SER A 65 -0.79 -2.48 -32.71
CA SER A 65 -0.84 -2.42 -32.73
C SER A 65 -0.29 -1.39 -31.76
N GLY A 66 -0.90 -1.26 -30.59
CA GLY A 66 -0.51 -0.26 -29.60
C GLY A 66 -1.36 1.00 -29.60
N ASN A 67 -2.33 1.08 -30.49
CA ASN A 67 -3.23 2.22 -30.49
C ASN A 67 -4.07 2.23 -29.20
N ILE A 68 -4.17 3.40 -28.59
CA ILE A 68 -4.89 3.58 -27.33
C ILE A 68 -6.16 4.39 -27.53
N THR A 69 -7.25 3.90 -26.96
CA THR A 69 -8.47 4.68 -26.84
C THR A 69 -8.68 4.96 -25.35
N THR A 70 -8.72 6.23 -24.97
CA THR A 70 -8.99 6.61 -23.60
C THR A 70 -10.50 6.83 -23.46
N LEU A 71 -11.14 6.07 -22.56
CA LEU A 71 -12.59 6.11 -22.40
C LEU A 71 -12.99 7.23 -21.46
N THR A 72 -14.21 7.73 -21.66
CA THR A 72 -14.79 8.71 -20.78
C THR A 72 -16.06 8.16 -20.12
N GLN A 73 -16.36 8.70 -18.94
CA GLN A 73 -17.45 8.21 -18.14
C GLN A 73 -18.83 8.58 -18.71
N GLY A 74 -19.76 7.62 -18.70
CA GLY A 74 -21.14 7.87 -19.14
C GLY A 74 -21.94 6.57 -19.17
N SER A 75 -23.27 6.70 -19.19
CA SER A 75 -24.14 5.50 -19.18
C SER A 75 -24.57 5.04 -20.57
N GLU A 76 -24.26 5.83 -21.60
CA GLU A 76 -24.64 5.47 -22.96
C GLU A 76 -23.88 4.25 -23.50
N LYS A 77 -24.63 3.45 -24.26
CA LYS A 77 -24.10 2.25 -24.89
C LYS A 77 -23.46 2.68 -26.22
N ALA A 78 -22.25 3.20 -26.11
CA ALA A 78 -21.59 3.86 -27.24
C ALA A 78 -20.07 3.74 -27.14
N THR A 79 -19.43 3.85 -28.30
CA THR A 79 -17.99 3.75 -28.37
C THR A 79 -17.32 4.82 -27.50
N GLY A 80 -16.21 4.44 -26.88
CA GLY A 80 -15.42 5.38 -26.13
C GLY A 80 -15.89 5.65 -24.72
N LYS A 81 -16.88 4.90 -24.23
CA LYS A 81 -17.51 5.16 -22.93
C LYS A 81 -17.27 4.07 -21.90
N TYR A 82 -17.40 4.44 -20.63
CA TYR A 82 -17.54 3.46 -19.56
C TYR A 82 -18.50 4.00 -18.53
N ASN A 83 -19.28 3.10 -17.93
CA ASN A 83 -20.15 3.44 -16.83
C ASN A 83 -19.47 3.10 -15.52
N LEU A 84 -19.73 3.88 -14.48
CA LEU A 84 -19.10 3.74 -13.18
C LEU A 84 -20.15 3.68 -12.08
N LEU A 85 -19.96 2.75 -11.15
CA LEU A 85 -20.71 2.71 -9.90
C LEU A 85 -19.71 2.58 -8.77
N GLU A 86 -19.77 3.48 -7.80
CA GLU A 86 -18.92 3.45 -6.60
C GLU A 86 -19.78 3.32 -5.36
N GLU A 87 -19.46 2.37 -4.50
CA GLU A 87 -20.18 2.19 -3.26
C GLU A 87 -19.25 1.56 -2.25
N ASN A 88 -19.28 2.06 -1.03
CA ASN A 88 -18.63 1.45 0.13
CA ASN A 88 -18.68 1.32 0.08
C ASN A 88 -17.18 1.05 -0.11
N ASN A 89 -16.46 2.01 -0.71
CA ASN A 89 -15.02 1.91 -0.95
C ASN A 89 -14.63 0.99 -2.09
N ASN A 90 -15.64 0.52 -2.82
CA ASN A 90 -15.47 -0.39 -3.96
C ASN A 90 -15.93 0.29 -5.25
N PHE A 91 -15.68 -0.33 -6.39
CA PHE A 91 -16.20 0.19 -7.64
C PHE A 91 -16.47 -0.91 -8.65
N THR A 92 -17.37 -0.61 -9.58
CA THR A 92 -17.64 -1.41 -10.74
C THR A 92 -17.64 -0.50 -11.96
N ILE A 93 -16.86 -0.90 -12.97
CA ILE A 93 -16.79 -0.21 -14.24
C ILE A 93 -17.33 -1.14 -15.32
N THR A 94 -18.28 -0.66 -16.11
CA THR A 94 -18.87 -1.45 -17.19
C THR A 94 -18.53 -0.75 -18.49
N ILE A 95 -17.86 -1.48 -19.38
CA ILE A 95 -17.42 -0.92 -20.65
C ILE A 95 -18.32 -1.53 -21.76
N PRO A 96 -19.19 -0.72 -22.36
CA PRO A 96 -19.99 -1.26 -23.48
C PRO A 96 -19.06 -1.60 -24.65
N TRP A 97 -19.38 -2.69 -25.32
CA TRP A 97 -18.48 -3.27 -26.32
C TRP A 97 -19.10 -3.31 -27.71
N ALA A 98 -20.42 -3.14 -27.77
CA ALA A 98 -21.15 -3.17 -29.04
C ALA A 98 -22.40 -2.36 -28.87
N ALA A 99 -22.98 -1.92 -29.98
CA ALA A 99 -24.17 -1.08 -29.94
C ALA A 99 -25.41 -1.82 -29.47
N THR A 100 -25.46 -3.13 -29.70
CA THR A 100 -26.59 -3.97 -29.26
C THR A 100 -26.07 -5.31 -28.72
N ASN A 101 -26.93 -6.08 -28.05
CA ASN A 101 -26.46 -7.29 -27.36
C ASN A 101 -26.46 -8.61 -28.14
N THR A 102 -27.18 -8.63 -29.26
CA THR A 102 -27.29 -9.84 -30.07
C THR A 102 -26.74 -9.56 -31.47
N PRO A 103 -26.34 -10.61 -32.20
CA PRO A 103 -25.74 -10.43 -33.51
C PRO A 103 -26.66 -9.70 -34.49
N ASP A 113 -21.02 -6.81 -37.72
CA ASP A 113 -21.84 -6.52 -36.55
C ASP A 113 -21.55 -5.10 -36.07
N ASP A 114 -21.99 -4.74 -34.86
CA ASP A 114 -21.91 -3.37 -34.39
C ASP A 114 -20.95 -3.19 -33.22
N PHE A 115 -19.91 -3.99 -33.21
CA PHE A 115 -18.83 -3.87 -32.25
C PHE A 115 -18.11 -2.53 -32.36
N PHE A 116 -17.66 -2.00 -31.23
CA PHE A 116 -16.91 -0.75 -31.22
C PHE A 116 -15.43 -0.92 -31.49
N TYR A 117 -14.89 -2.09 -31.13
CA TYR A 117 -13.46 -2.34 -31.13
C TYR A 117 -13.20 -3.57 -31.98
N LYS A 118 -11.98 -3.69 -32.47
CA LYS A 118 -11.65 -4.83 -33.30
C LYS A 118 -10.38 -5.48 -32.81
N GLY A 119 -10.27 -6.76 -33.17
CA GLY A 119 -9.12 -7.55 -32.85
C GLY A 119 -9.05 -7.87 -31.37
N ILE A 120 -7.81 -8.02 -30.92
CA ILE A 120 -7.51 -8.41 -29.55
C ILE A 120 -7.09 -7.16 -28.80
N ASN A 121 -7.80 -6.86 -27.73
CA ASN A 121 -7.56 -5.64 -26.98
C ASN A 121 -7.17 -5.90 -25.54
N THR A 122 -6.41 -4.96 -24.99
CA THR A 122 -6.10 -4.92 -23.58
C THR A 122 -6.91 -3.80 -22.93
N ILE A 123 -7.66 -4.14 -21.89
CA ILE A 123 -8.33 -3.17 -21.05
C ILE A 123 -7.43 -2.88 -19.87
N THR A 124 -7.16 -1.60 -19.63
CA THR A 124 -6.37 -1.18 -18.47
C THR A 124 -7.21 -0.18 -17.67
N VAL A 125 -7.27 -0.40 -16.35
CA VAL A 125 -7.84 0.57 -15.44
C VAL A 125 -6.76 0.93 -14.42
N THR A 126 -6.39 2.20 -14.35
CA THR A 126 -5.54 2.66 -13.28
C THR A 126 -6.39 3.51 -12.34
N TYR A 127 -6.06 3.48 -11.05
CA TYR A 127 -6.76 4.28 -10.06
C TYR A 127 -5.86 4.37 -8.84
N THR A 128 -6.24 5.20 -7.88
CA THR A 128 -5.44 5.35 -6.67
C THR A 128 -6.27 5.16 -5.41
N GLY A 129 -5.54 4.89 -4.33
CA GLY A 129 -6.09 4.89 -2.99
C GLY A 129 -5.04 5.45 -2.04
N VAL A 130 -5.41 5.61 -0.79
CA VAL A 130 -4.51 6.13 0.25
C VAL A 130 -4.40 5.13 1.38
N LEU A 131 -3.16 4.74 1.72
CA LEU A 131 -2.94 3.79 2.79
C LEU A 131 -3.28 4.43 4.13
N LYS A 132 -3.98 3.71 5.00
CA LYS A 132 -4.43 4.25 6.27
C LYS A 132 -3.94 3.38 7.42
N SER A 133 -4.25 3.81 8.66
CA SER A 133 -3.61 3.23 9.83
C SER A 133 -3.96 1.78 10.13
N GLY A 134 -5.06 1.27 9.58
CA GLY A 134 -5.45 -0.09 9.83
C GLY A 134 -4.66 -1.15 9.10
N ALA A 135 -3.83 -0.74 8.15
CA ALA A 135 -3.03 -1.69 7.41
C ALA A 135 -2.12 -2.46 8.35
N LYS A 136 -1.95 -3.74 8.09
CA LYS A 136 -1.05 -4.57 8.88
C LYS A 136 0.32 -4.59 8.24
N PRO A 137 1.38 -4.59 9.06
CA PRO A 137 2.75 -4.60 8.53
C PRO A 137 3.24 -6.01 8.23
N GLY A 138 4.30 -6.05 7.43
CA GLY A 138 5.01 -7.30 7.17
C GLY A 138 4.70 -7.97 5.86
N SER A 139 5.27 -9.15 5.70
CA SER A 139 5.36 -9.86 4.42
C SER A 139 4.46 -11.10 4.33
N ALA A 140 3.68 -11.37 5.38
CA ALA A 140 2.86 -12.58 5.43
C ALA A 140 1.58 -12.44 4.61
N ASP A 141 0.76 -13.48 4.64
N ASP A 141 0.77 -13.49 4.62
CA ASP A 141 -0.55 -13.45 4.03
CA ASP A 141 -0.54 -13.41 3.99
C ASP A 141 -1.43 -12.45 4.78
C ASP A 141 -1.38 -12.42 4.79
N LEU A 142 -1.83 -11.37 4.13
CA LEU A 142 -2.59 -10.29 4.77
C LEU A 142 -3.85 -9.98 3.95
N PRO A 143 -4.89 -10.79 4.15
CA PRO A 143 -6.14 -10.51 3.41
C PRO A 143 -6.67 -9.10 3.66
N GLU A 144 -6.43 -8.57 4.85
CA GLU A 144 -6.95 -7.24 5.19
C GLU A 144 -6.32 -6.13 4.36
N ASN A 145 -5.13 -6.38 3.80
CA ASN A 145 -4.43 -5.39 3.00
C ASN A 145 -4.63 -5.64 1.49
N THR A 146 -5.51 -6.59 1.14
CA THR A 146 -5.61 -7.11 -0.23
C THR A 146 -6.89 -6.64 -0.89
N ASN A 147 -6.80 -6.31 -2.17
CA ASN A 147 -8.00 -6.12 -2.97
C ASN A 147 -8.04 -7.16 -4.07
N ILE A 148 -9.24 -7.34 -4.63
CA ILE A 148 -9.42 -8.24 -5.75
C ILE A 148 -10.20 -7.55 -6.85
N ALA A 149 -9.75 -7.71 -8.08
CA ALA A 149 -10.47 -7.22 -9.24
C ALA A 149 -10.83 -8.41 -10.12
N THR A 150 -12.08 -8.43 -10.58
CA THR A 150 -12.52 -9.42 -11.55
C THR A 150 -12.89 -8.68 -12.84
N ILE A 151 -12.70 -9.36 -13.97
CA ILE A 151 -13.12 -8.84 -15.26
C ILE A 151 -13.87 -9.98 -15.96
N ASN A 152 -15.11 -9.70 -16.35
CA ASN A 152 -15.96 -10.72 -16.97
C ASN A 152 -16.65 -10.11 -18.20
N PRO A 153 -16.86 -10.92 -19.24
CA PRO A 153 -17.73 -10.49 -20.35
C PRO A 153 -19.18 -10.59 -19.92
N ASN A 154 -20.01 -9.77 -20.54
CA ASN A 154 -21.46 -9.90 -20.45
C ASN A 154 -21.89 -10.03 -18.99
N THR A 155 -22.64 -11.07 -18.63
CA THR A 155 -23.12 -11.20 -17.26
C THR A 155 -22.46 -12.35 -16.50
N SER A 156 -21.34 -12.84 -16.99
CA SER A 156 -20.61 -13.89 -16.28
CA SER A 156 -20.65 -13.88 -16.26
C SER A 156 -20.05 -13.36 -14.96
N ASN A 157 -19.95 -14.22 -13.95
CA ASN A 157 -19.20 -13.91 -12.73
C ASN A 157 -18.16 -15.01 -12.43
N ASP A 158 -17.72 -15.74 -13.45
CA ASP A 158 -16.84 -16.87 -13.25
C ASP A 158 -15.35 -16.52 -13.15
N ASP A 159 -14.96 -15.30 -13.53
CA ASP A 159 -13.54 -14.95 -13.46
C ASP A 159 -13.00 -15.04 -11.99
N PRO A 160 -11.90 -15.77 -11.73
CA PRO A 160 -11.49 -15.92 -10.33
C PRO A 160 -10.77 -14.65 -9.81
N GLY A 161 -10.38 -13.75 -10.73
CA GLY A 161 -9.85 -12.47 -10.35
C GLY A 161 -8.38 -12.43 -10.07
N GLN A 162 -7.94 -11.20 -9.84
CA GLN A 162 -6.56 -10.84 -9.66
C GLN A 162 -6.43 -10.02 -8.38
N LYS A 163 -5.47 -10.36 -7.55
CA LYS A 163 -5.33 -9.75 -6.24
C LYS A 163 -3.98 -9.08 -6.10
N VAL A 164 -3.89 -8.09 -5.21
CA VAL A 164 -2.61 -7.56 -4.81
C VAL A 164 -2.71 -7.11 -3.36
N THR A 165 -1.60 -7.23 -2.64
CA THR A 165 -1.53 -6.87 -1.23
C THR A 165 -0.61 -5.67 -1.05
N VAL A 166 -1.12 -4.58 -0.49
CA VAL A 166 -0.32 -3.41 -0.16
CA VAL A 166 -0.26 -3.44 -0.19
C VAL A 166 0.53 -3.76 1.08
N ARG A 167 1.76 -3.27 1.14
CA ARG A 167 2.68 -3.65 2.22
C ARG A 167 3.30 -2.44 2.89
N ASP A 168 3.54 -2.57 4.19
CA ASP A 168 4.32 -1.60 4.93
C ASP A 168 5.13 -2.31 6.01
N GLY A 169 5.98 -1.56 6.70
CA GLY A 169 6.90 -2.11 7.68
C GLY A 169 6.72 -1.54 9.07
N GLN A 170 7.39 -2.17 10.01
CA GLN A 170 7.31 -1.81 11.40
C GLN A 170 8.69 -1.89 12.06
N ILE A 171 9.00 -0.90 12.89
CA ILE A 171 10.22 -0.88 13.68
C ILE A 171 9.82 -0.99 15.15
N THR A 172 10.30 -2.01 15.84
CA THR A 172 10.12 -2.18 17.27
C THR A 172 11.47 -1.93 17.93
N ILE A 173 11.57 -0.82 18.65
CA ILE A 173 12.80 -0.40 19.31
C ILE A 173 12.81 -0.93 20.73
N LYS A 174 13.89 -1.60 21.13
CA LYS A 174 14.09 -2.00 22.50
C LYS A 174 15.27 -1.26 23.08
N LYS A 175 15.04 -0.57 24.18
CA LYS A 175 16.07 0.22 24.84
C LYS A 175 16.57 -0.56 26.04
N ILE A 176 17.89 -0.74 26.13
CA ILE A 176 18.49 -1.46 27.23
C ILE A 176 19.69 -0.72 27.81
N ASP A 177 20.07 -1.15 29.00
CA ASP A 177 21.37 -0.81 29.59
C ASP A 177 22.44 -1.71 28.92
N GLY A 178 23.46 -1.10 28.33
CA GLY A 178 24.46 -1.88 27.60
C GLY A 178 25.22 -2.88 28.44
N SER A 179 25.30 -2.64 29.75
CA SER A 179 26.04 -3.54 30.63
C SER A 179 25.14 -4.65 31.21
N THR A 180 24.05 -4.27 31.86
CA THR A 180 23.19 -5.25 32.52
C THR A 180 22.14 -5.89 31.60
N LYS A 181 21.91 -5.27 30.45
CA LYS A 181 20.92 -5.70 29.45
C LYS A 181 19.48 -5.50 29.91
N ALA A 182 19.27 -4.80 31.00
CA ALA A 182 17.93 -4.48 31.48
C ALA A 182 17.22 -3.55 30.52
N SER A 183 15.91 -3.78 30.34
CA SER A 183 15.09 -2.91 29.55
CA SER A 183 15.12 -2.90 29.53
C SER A 183 14.84 -1.61 30.31
N LEU A 184 14.86 -0.49 29.58
CA LEU A 184 14.78 0.83 30.18
C LEU A 184 13.62 1.63 29.68
N GLN A 185 12.75 2.01 30.59
CA GLN A 185 11.64 2.89 30.29
C GLN A 185 12.08 4.35 30.27
N GLY A 186 11.27 5.19 29.63
CA GLY A 186 11.42 6.62 29.76
C GLY A 186 12.38 7.30 28.82
N ALA A 187 13.08 6.55 27.96
CA ALA A 187 13.92 7.19 26.94
C ALA A 187 13.01 7.77 25.87
N ILE A 188 13.41 8.92 25.33
CA ILE A 188 12.65 9.58 24.28
C ILE A 188 13.45 9.54 22.99
N PHE A 189 12.83 9.07 21.91
CA PHE A 189 13.43 9.04 20.58
C PHE A 189 12.56 9.77 19.58
N VAL A 190 13.23 10.27 18.56
CA VAL A 190 12.60 10.64 17.30
C VAL A 190 13.21 9.79 16.19
N LEU A 191 12.49 9.66 15.08
CA LEU A 191 12.94 8.86 13.94
C LEU A 191 13.31 9.79 12.80
N LYS A 192 14.52 9.63 12.28
CA LYS A 192 14.98 10.35 11.10
C LYS A 192 15.00 9.42 9.90
N ASN A 193 14.68 9.96 8.73
CA ASN A 193 14.80 9.22 7.49
C ASN A 193 16.20 9.44 6.90
N ALA A 194 16.40 9.02 5.66
CA ALA A 194 17.70 9.08 4.99
C ALA A 194 17.94 10.39 4.29
N THR A 195 16.96 11.28 4.32
CA THR A 195 16.98 12.55 3.60
C THR A 195 16.86 13.74 4.55
N GLY A 196 17.39 13.61 5.76
CA GLY A 196 17.55 14.73 6.67
C GLY A 196 16.33 15.12 7.47
N GLN A 197 15.25 14.34 7.38
CA GLN A 197 13.97 14.75 7.94
C GLN A 197 13.54 13.86 9.08
N PHE A 198 12.58 14.35 9.84
CA PHE A 198 12.13 13.71 11.08
C PHE A 198 10.66 13.37 10.99
N LEU A 199 10.30 12.21 11.53
CA LEU A 199 8.95 11.69 11.46
C LEU A 199 7.98 12.47 12.32
N ASN A 200 6.90 12.94 11.70
CA ASN A 200 5.73 13.43 12.40
C ASN A 200 4.60 12.46 12.05
N PHE A 201 4.12 11.74 13.04
CA PHE A 201 3.08 10.74 12.86
C PHE A 201 1.87 11.13 13.74
N ASN A 202 1.70 12.42 13.95
CA ASN A 202 0.59 12.87 14.79
C ASN A 202 -0.78 12.66 14.14
N ASP A 203 -0.84 12.75 12.81
CA ASP A 203 -2.01 12.26 12.08
C ASP A 203 -1.81 10.76 11.99
N THR A 204 -2.61 9.99 12.71
CA THR A 204 -2.42 8.55 12.76
C THR A 204 -2.59 7.89 11.38
N ASN A 205 -3.22 8.59 10.44
CA ASN A 205 -3.38 8.10 9.07
C ASN A 205 -2.38 8.69 8.08
N ASN A 206 -1.34 9.40 8.53
CA ASN A 206 -0.44 10.01 7.59
C ASN A 206 0.94 10.27 8.16
N VAL A 207 1.91 9.41 7.82
CA VAL A 207 3.31 9.67 8.07
C VAL A 207 3.73 10.94 7.35
N GLU A 208 4.43 11.85 8.03
CA GLU A 208 4.99 13.03 7.41
C GLU A 208 6.45 13.18 7.84
N TRP A 209 7.22 13.84 7.00
CA TRP A 209 8.65 14.04 7.20
C TRP A 209 8.93 15.53 7.17
N GLY A 210 9.62 16.03 8.18
CA GLY A 210 9.87 17.46 8.25
C GLY A 210 10.87 17.84 9.30
N THR A 211 10.65 18.97 9.94
CA THR A 211 11.63 19.51 10.88
C THR A 211 11.71 18.66 12.16
N GLU A 212 12.85 18.75 12.83
CA GLU A 212 13.00 18.08 14.11
C GLU A 212 12.01 18.65 15.15
N ALA A 213 11.79 19.96 15.11
CA ALA A 213 10.91 20.57 16.09
C ALA A 213 9.47 20.03 15.95
N ASN A 214 9.10 19.62 14.75
CA ASN A 214 7.77 19.09 14.50
C ASN A 214 7.66 17.56 14.64
N ALA A 215 8.73 16.91 15.05
CA ALA A 215 8.76 15.47 15.13
C ALA A 215 7.91 14.92 16.27
N THR A 216 7.38 13.72 16.06
CA THR A 216 6.72 12.98 17.11
C THR A 216 7.76 12.37 18.05
N GLU A 217 7.62 12.65 19.33
CA GLU A 217 8.47 12.05 20.36
C GLU A 217 7.86 10.75 20.86
N TYR A 218 8.64 9.68 20.83
CA TYR A 218 8.25 8.37 21.32
C TYR A 218 9.00 8.07 22.61
N THR A 219 8.29 7.62 23.63
CA THR A 219 8.89 7.24 24.90
C THR A 219 8.89 5.73 25.06
N THR A 220 10.01 5.15 25.48
CA THR A 220 10.05 3.72 25.72
C THR A 220 9.16 3.37 26.92
N GLY A 221 8.38 2.32 26.75
CA GLY A 221 7.43 1.91 27.77
C GLY A 221 8.06 1.18 28.92
N ALA A 222 7.19 0.69 29.80
CA ALA A 222 7.64 -0.04 30.98
C ALA A 222 8.47 -1.26 30.59
N ASP A 223 8.23 -1.78 29.38
CA ASP A 223 8.96 -2.91 28.79
C ASP A 223 10.18 -2.51 27.97
N GLY A 224 10.51 -1.23 27.95
CA GLY A 224 11.63 -0.75 27.16
C GLY A 224 11.35 -0.54 25.68
N ILE A 225 10.11 -0.65 25.26
CA ILE A 225 9.78 -0.74 23.84
C ILE A 225 9.11 0.53 23.32
N ILE A 226 9.45 0.87 22.06
CA ILE A 226 8.67 1.75 21.21
C ILE A 226 8.32 0.96 19.95
N THR A 227 7.06 1.04 19.51
CA THR A 227 6.67 0.45 18.24
C THR A 227 6.23 1.56 17.29
N ILE A 228 6.83 1.59 16.10
CA ILE A 228 6.43 2.51 15.03
C ILE A 228 5.96 1.66 13.87
N THR A 229 4.67 1.74 13.55
CA THR A 229 4.07 0.86 12.54
C THR A 229 3.59 1.69 11.37
N GLY A 230 3.98 1.28 10.16
CA GLY A 230 3.45 1.90 8.97
C GLY A 230 4.45 2.65 8.10
N LEU A 231 5.66 2.13 7.96
CA LEU A 231 6.75 2.80 7.27
C LEU A 231 7.14 2.03 5.99
N LYS A 232 7.48 2.80 4.97
CA LYS A 232 8.04 2.31 3.74
C LYS A 232 9.42 1.70 3.99
N GLU A 233 9.83 0.75 3.18
CA GLU A 233 11.19 0.25 3.24
C GLU A 233 12.18 1.40 3.10
N GLY A 234 13.36 1.23 3.68
CA GLY A 234 14.42 2.22 3.59
C GLY A 234 15.32 2.16 4.79
N THR A 235 16.16 3.18 4.87
CA THR A 235 17.14 3.30 5.93
C THR A 235 16.72 4.45 6.85
N TYR A 236 16.58 4.17 8.15
CA TYR A 236 16.13 5.14 9.12
C TYR A 236 17.18 5.25 10.23
N TYR A 237 17.04 6.27 11.05
CA TYR A 237 18.00 6.53 12.11
C TYR A 237 17.27 6.87 13.40
N LEU A 238 17.61 6.15 14.45
CA LEU A 238 17.01 6.35 15.77
C LEU A 238 17.82 7.42 16.50
N VAL A 239 17.17 8.53 16.84
CA VAL A 239 17.83 9.65 17.48
C VAL A 239 17.30 9.79 18.91
N GLU A 240 18.17 9.60 19.90
CA GLU A 240 17.77 9.75 21.27
C GLU A 240 17.74 11.23 21.62
N LYS A 241 16.59 11.67 22.11
CA LYS A 241 16.38 13.03 22.58
C LYS A 241 16.52 13.16 24.09
N LYS A 242 16.21 12.09 24.83
CA LYS A 242 16.34 12.09 26.29
C LYS A 242 16.71 10.67 26.70
N ALA A 243 17.80 10.52 27.45
CA ALA A 243 18.17 9.21 27.94
C ALA A 243 17.28 8.81 29.11
N PRO A 244 17.18 7.49 29.41
CA PRO A 244 16.52 7.10 30.65
C PRO A 244 17.19 7.74 31.84
N LEU A 245 16.44 7.84 32.91
CA LEU A 245 16.90 8.48 34.11
C LEU A 245 18.26 7.92 34.57
N GLY A 246 19.25 8.78 34.73
CA GLY A 246 20.57 8.37 35.18
C GLY A 246 21.56 7.95 34.10
N TYR A 247 21.11 7.92 32.85
CA TYR A 247 21.94 7.53 31.72
C TYR A 247 22.44 8.74 30.93
N ASN A 248 23.56 8.58 30.24
CA ASN A 248 24.10 9.65 29.42
C ASN A 248 23.42 9.71 28.05
N LEU A 249 23.12 10.91 27.56
CA LEU A 249 22.52 11.07 26.24
C LEU A 249 23.45 10.56 25.15
N LEU A 250 22.93 9.68 24.31
CA LEU A 250 23.70 9.09 23.22
C LEU A 250 24.03 10.12 22.17
N ASP A 251 25.29 10.20 21.75
CA ASP A 251 25.74 11.24 20.83
C ASP A 251 25.27 11.00 19.42
N ASN A 252 25.22 9.73 19.04
CA ASN A 252 25.02 9.42 17.64
C ASN A 252 23.80 8.58 17.48
N SER A 253 23.24 8.67 16.28
CA SER A 253 22.05 7.94 15.99
C SER A 253 22.39 6.50 15.67
N GLN A 254 21.36 5.66 15.65
CA GLN A 254 21.52 4.26 15.29
C GLN A 254 20.76 3.97 14.00
N LYS A 255 21.48 3.46 13.00
CA LYS A 255 20.87 3.08 11.74
C LYS A 255 20.00 1.83 11.87
N VAL A 256 18.84 1.85 11.23
CA VAL A 256 17.93 0.71 11.18
C VAL A 256 17.40 0.59 9.75
N ILE A 257 17.63 -0.56 9.14
CA ILE A 257 17.13 -0.83 7.80
C ILE A 257 15.84 -1.63 7.88
N LEU A 258 14.88 -1.18 7.08
CA LEU A 258 13.62 -1.82 6.95
C LEU A 258 13.55 -2.28 5.48
N GLY A 259 13.23 -3.55 5.27
CA GLY A 259 13.23 -4.13 3.94
C GLY A 259 14.56 -4.78 3.59
N ASP A 260 14.91 -4.80 2.31
CA ASP A 260 16.15 -5.44 1.87
C ASP A 260 17.33 -4.90 2.64
N GLY A 261 18.13 -5.79 3.19
CA GLY A 261 19.27 -5.41 4.01
C GLY A 261 19.01 -5.34 5.51
N ALA A 262 17.77 -5.59 5.91
CA ALA A 262 17.42 -5.54 7.32
C ALA A 262 18.18 -6.51 8.18
N THR A 263 18.43 -6.07 9.40
CA THR A 263 18.85 -6.92 10.49
C THR A 263 17.75 -7.01 11.56
N ASP A 264 17.94 -7.91 12.52
CA ASP A 264 17.04 -8.01 13.66
C ASP A 264 15.61 -8.28 13.23
N THR A 265 15.42 -9.18 12.28
CA THR A 265 14.09 -9.44 11.77
C THR A 265 13.29 -10.40 12.64
N THR A 266 11.97 -10.28 12.58
CA THR A 266 11.06 -11.23 13.19
C THR A 266 10.75 -12.32 12.18
N ASN A 267 11.07 -13.56 12.54
CA ASN A 267 10.76 -14.72 11.69
C ASN A 267 11.14 -14.48 10.23
N SER A 268 12.32 -13.94 10.02
CA SER A 268 12.91 -13.74 8.70
C SER A 268 12.12 -12.76 7.83
N ASP A 269 11.28 -11.93 8.45
CA ASP A 269 10.48 -10.95 7.72
C ASP A 269 11.22 -9.62 7.79
N ASN A 270 11.78 -9.18 6.66
CA ASN A 270 12.56 -7.95 6.56
CA ASN A 270 12.58 -7.97 6.72
C ASN A 270 11.76 -6.68 6.84
N LEU A 271 10.43 -6.81 6.88
CA LEU A 271 9.54 -5.65 7.15
C LEU A 271 9.10 -5.57 8.61
N LEU A 272 9.60 -6.46 9.45
CA LEU A 272 9.31 -6.47 10.88
C LEU A 272 10.65 -6.52 11.60
N VAL A 273 11.17 -5.35 12.00
CA VAL A 273 12.53 -5.30 12.52
C VAL A 273 12.52 -4.86 13.98
N ASN A 274 13.58 -5.25 14.69
CA ASN A 274 13.66 -5.15 16.14
C ASN A 274 15.01 -4.66 16.60
N PRO A 275 15.38 -3.41 16.27
CA PRO A 275 16.67 -2.89 16.76
C PRO A 275 16.70 -2.76 18.28
N THR A 276 17.88 -3.04 18.87
CA THR A 276 18.15 -2.79 20.28
C THR A 276 19.12 -1.63 20.36
N VAL A 277 18.79 -0.66 21.21
CA VAL A 277 19.64 0.50 21.46
C VAL A 277 20.17 0.41 22.87
N GLU A 278 21.49 0.45 23.01
CA GLU A 278 22.15 0.38 24.30
C GLU A 278 22.43 1.76 24.85
N ASN A 279 22.24 1.88 26.15
CA ASN A 279 22.49 3.09 26.91
C ASN A 279 23.57 2.84 27.94
N ASN A 280 24.27 3.92 28.27
CA ASN A 280 25.40 3.90 29.15
C ASN A 280 25.07 4.68 30.41
N LYS A 281 25.19 4.00 31.56
CA LYS A 281 24.94 4.62 32.83
C LYS A 281 25.85 5.82 33.01
N GLY A 282 25.32 6.90 33.58
CA GLY A 282 26.11 8.07 33.88
C GLY A 282 26.76 7.95 35.24
N THR A 283 27.92 8.59 35.41
CA THR A 283 28.79 8.39 36.59
C THR A 283 28.07 8.16 37.93
N GLU A 284 27.05 8.95 38.22
CA GLU A 284 26.34 8.82 39.48
C GLU A 284 25.69 7.44 39.62
N LEU A 285 25.22 6.87 38.51
CA LEU A 285 24.51 5.59 38.55
C LEU A 285 25.41 4.33 38.77
N PRO A 286 26.61 4.25 38.15
CA PRO A 286 27.55 3.20 38.57
C PRO A 286 28.04 3.32 39.99
N SER A 287 28.15 4.54 40.51
CA SER A 287 28.62 4.72 41.88
C SER A 287 27.51 4.41 42.88
C1 EDO B . 14.76 6.10 2.73
O1 EDO B . 15.82 5.21 2.96
C2 EDO B . 13.93 6.24 3.98
O2 EDO B . 14.67 6.89 5.01
H11 EDO B . 13.03 6.81 3.77
H12 EDO B . 13.63 5.25 4.33
HO1 EDO B . 14.11 6.96 5.80
H21 EDO B . 15.16 7.08 2.43
H22 EDO B . 14.14 5.72 1.91
HO2 EDO B . 16.35 5.12 2.15
C1 EDO C . 2.54 3.03 16.28
O1 EDO C . 2.97 3.52 15.02
C2 EDO C . 1.03 3.18 16.42
O2 EDO C . 0.40 2.32 15.47
H11 EDO C . 0.74 4.22 16.23
H12 EDO C . 0.73 2.92 17.44
HO1 EDO C . -0.56 2.41 15.56
H21 EDO C . 2.81 1.98 16.38
H22 EDO C . 3.04 3.58 17.08
HO2 EDO C . 3.93 3.42 14.94
CA CA D . -5.84 6.39 -30.43
CA CA E . 2.61 11.55 4.02
CA CA F . -21.20 -18.12 -12.20
#